data_8EAB
#
_entry.id   8EAB
#
_cell.length_a   101.621
_cell.length_b   42.874
_cell.length_c   67.881
_cell.angle_alpha   90.00
_cell.angle_beta   107.87
_cell.angle_gamma   90.00
#
_symmetry.space_group_name_H-M   'C 1 2 1'
#
loop_
_entity.id
_entity.type
_entity.pdbx_description
1 polymer 'NKG2-D type II integral membrane protein'
2 non-polymer DI(HYDROXYETHYL)ETHER
3 non-polymer N-[(1S)-2-oxo-1-[3-(trifluoromethyl)phenyl]-2-({4-[4-(trifluoromethyl)phenyl]pyridin-3-yl}amino)ethyl]-4-[4-(trifluoromethyl)phenyl]pyridine-3-carboxamide
4 water water
#
_entity_poly.entity_id   1
_entity_poly.type   'polypeptide(L)'
_entity_poly.pdbx_seq_one_letter_code
;MGPLTESYCGPCPKNWICYKNNCYQFFDEEKNWYESQASCMSQNASLLKVYSKEDQDLLKLVKSYHWMGLVHIPTNGSWQ
WEDGSSLSPNLLTIIEMQKGDCALYASSFKGYIENCSTPNTYICMQRTV
;
_entity_poly.pdbx_strand_id   A,B
#
loop_
_chem_comp.id
_chem_comp.type
_chem_comp.name
_chem_comp.formula
PEG non-polymer DI(HYDROXYETHYL)ETHER 'C4 H10 O3'
VN2 non-polymer N-[(1S)-2-oxo-1-[3-(trifluoromethyl)phenyl]-2-({4-[4-(trifluoromethyl)phenyl]pyridin-3-yl}amino)ethyl]-4-[4-(trifluoromethyl)phenyl]pyridine-3-carboxamide 'C34 H21 F9 N4 O2'
#
# COMPACT_ATOMS: atom_id res chain seq x y z
N GLU A 6 -7.31 -3.90 -18.35
CA GLU A 6 -6.66 -4.95 -17.58
C GLU A 6 -5.23 -5.21 -18.10
N SER A 7 -4.37 -5.74 -17.22
CA SER A 7 -3.01 -6.07 -17.62
C SER A 7 -2.35 -6.80 -16.46
N TYR A 8 -1.14 -7.29 -16.71
CA TYR A 8 -0.30 -7.86 -15.67
C TYR A 8 0.69 -6.82 -15.18
N CYS A 9 1.34 -7.13 -14.07
CA CYS A 9 2.28 -6.22 -13.44
C CYS A 9 3.53 -6.99 -13.06
N GLY A 10 4.68 -6.51 -13.51
CA GLY A 10 5.93 -7.09 -13.11
C GLY A 10 6.94 -7.07 -14.25
N PRO A 11 7.90 -7.99 -14.22
CA PRO A 11 8.03 -9.04 -13.21
C PRO A 11 8.52 -8.53 -11.85
N CYS A 12 7.98 -9.10 -10.77
CA CYS A 12 8.37 -8.76 -9.41
C CYS A 12 8.46 -10.04 -8.59
N PRO A 13 9.35 -10.09 -7.61
CA PRO A 13 9.32 -11.20 -6.66
C PRO A 13 8.06 -11.16 -5.81
N LYS A 14 7.75 -12.31 -5.21
CA LYS A 14 6.44 -12.47 -4.58
C LYS A 14 6.20 -11.48 -3.45
N ASN A 15 7.23 -11.11 -2.70
CA ASN A 15 7.03 -10.29 -1.51
C ASN A 15 7.04 -8.79 -1.79
N TRP A 16 6.93 -8.38 -3.05
CA TRP A 16 6.95 -6.97 -3.40
C TRP A 16 5.58 -6.54 -3.87
N ILE A 17 5.19 -5.30 -3.55
CA ILE A 17 4.03 -4.68 -4.17
C ILE A 17 4.38 -4.30 -5.60
N CYS A 18 3.51 -4.64 -6.55
CA CYS A 18 3.70 -4.24 -7.94
C CYS A 18 2.71 -3.14 -8.30
N TYR A 19 3.22 -2.07 -8.92
CA TYR A 19 2.35 -1.01 -9.40
C TYR A 19 2.99 -0.47 -10.67
N LYS A 20 2.23 -0.51 -11.76
CA LYS A 20 2.70 0.00 -13.05
C LYS A 20 4.09 -0.52 -13.40
N ASN A 21 4.32 -1.81 -13.17
CA ASN A 21 5.54 -2.53 -13.54
C ASN A 21 6.77 -2.11 -12.74
N ASN A 22 6.58 -1.41 -11.63
CA ASN A 22 7.66 -1.23 -10.67
C ASN A 22 7.34 -2.04 -9.42
N CYS A 23 8.38 -2.52 -8.75
CA CYS A 23 8.24 -3.32 -7.54
C CYS A 23 8.71 -2.54 -6.32
N TYR A 24 7.89 -2.52 -5.28
CA TYR A 24 8.21 -1.75 -4.07
C TYR A 24 8.19 -2.66 -2.84
N GLN A 25 9.11 -2.41 -1.91
CA GLN A 25 9.11 -3.13 -0.65
C GLN A 25 9.52 -2.21 0.49
N PHE A 26 8.71 -2.20 1.55
CA PHE A 26 8.97 -1.41 2.75
C PHE A 26 9.75 -2.22 3.77
N PHE A 27 10.75 -1.59 4.36
CA PHE A 27 11.59 -2.19 5.40
C PHE A 27 11.42 -1.41 6.70
N ASP A 28 10.93 -2.07 7.76
CA ASP A 28 10.61 -1.40 9.02
C ASP A 28 11.77 -1.39 10.03
N GLU A 29 12.87 -2.07 9.76
CA GLU A 29 14.02 -1.99 10.65
C GLU A 29 14.83 -0.76 10.30
N GLU A 30 14.94 0.18 11.25
CA GLU A 30 15.51 1.49 10.96
C GLU A 30 17.03 1.41 10.79
N LYS A 31 17.54 2.07 9.75
CA LYS A 31 18.95 2.02 9.39
C LYS A 31 19.36 3.38 8.85
N ASN A 32 20.66 3.67 8.92
CA ASN A 32 21.12 4.90 8.26
C ASN A 32 21.02 4.73 6.74
N TRP A 33 21.26 5.84 6.03
CA TRP A 33 21.08 5.85 4.58
C TRP A 33 21.96 4.81 3.92
N TYR A 34 23.22 4.71 4.35
CA TYR A 34 24.17 3.82 3.68
C TYR A 34 23.82 2.35 3.92
N GLU A 35 23.41 2.00 5.15
CA GLU A 35 22.98 0.64 5.44
C GLU A 35 21.69 0.28 4.70
N SER A 36 20.80 1.27 4.52
CA SER A 36 19.59 1.01 3.76
C SER A 36 19.91 0.77 2.30
N GLN A 37 20.83 1.57 1.73
CA GLN A 37 21.28 1.37 0.36
C GLN A 37 21.86 -0.04 0.18
N ALA A 38 22.68 -0.49 1.13
CA ALA A 38 23.26 -1.82 1.01
C ALA A 38 22.18 -2.89 1.12
N SER A 39 21.18 -2.66 1.96
CA SER A 39 20.09 -3.63 2.10
C SER A 39 19.34 -3.79 0.78
N CYS A 40 18.98 -2.67 0.15
CA CYS A 40 18.29 -2.77 -1.15
C CYS A 40 19.16 -3.48 -2.17
N MET A 41 20.45 -3.13 -2.23
CA MET A 41 21.37 -3.77 -3.19
C MET A 41 21.39 -5.28 -3.00
N SER A 42 21.43 -5.74 -1.75
CA SER A 42 21.41 -7.17 -1.46
C SER A 42 20.15 -7.84 -1.98
N GLN A 43 19.08 -7.08 -2.22
CA GLN A 43 17.82 -7.61 -2.73
C GLN A 43 17.67 -7.38 -4.23
N ASN A 44 18.77 -7.14 -4.94
CA ASN A 44 18.73 -6.84 -6.37
C ASN A 44 17.86 -5.63 -6.65
N ALA A 45 18.01 -4.60 -5.82
CA ALA A 45 17.19 -3.40 -5.94
C ALA A 45 18.02 -2.21 -5.52
N SER A 46 17.37 -1.05 -5.50
N SER A 46 17.38 -1.04 -5.51
CA SER A 46 17.96 0.20 -5.03
CA SER A 46 17.98 0.18 -5.01
C SER A 46 16.94 0.87 -4.12
C SER A 46 16.95 0.87 -4.11
N LEU A 47 17.37 1.93 -3.44
CA LEU A 47 16.39 2.72 -2.71
C LEU A 47 15.42 3.39 -3.68
N LEU A 48 14.23 3.70 -3.17
CA LEU A 48 13.20 4.35 -3.99
C LEU A 48 13.78 5.46 -4.85
N LYS A 49 13.46 5.43 -6.14
CA LYS A 49 13.79 6.50 -7.06
C LYS A 49 12.47 7.05 -7.60
N VAL A 50 12.29 8.36 -7.48
CA VAL A 50 11.07 9.01 -7.96
C VAL A 50 11.37 9.60 -9.34
N TYR A 51 10.75 9.03 -10.38
CA TYR A 51 10.96 9.50 -11.74
C TYR A 51 9.68 9.91 -12.47
N SER A 52 8.50 9.60 -11.93
CA SER A 52 7.25 9.93 -12.63
C SER A 52 6.13 10.05 -11.62
N LYS A 53 5.52 11.24 -11.52
CA LYS A 53 4.37 11.38 -10.65
C LYS A 53 3.17 10.57 -11.15
N GLU A 54 3.03 10.40 -12.45
CA GLU A 54 1.90 9.64 -12.97
C GLU A 54 2.11 8.15 -12.81
N ASP A 55 3.28 7.64 -13.23
CA ASP A 55 3.54 6.21 -13.17
C ASP A 55 3.82 5.71 -11.76
N GLN A 56 4.09 6.62 -10.81
CA GLN A 56 4.32 6.26 -9.41
C GLN A 56 3.30 6.92 -8.49
N ASP A 57 2.09 7.14 -9.00
CA ASP A 57 1.12 7.89 -8.20
C ASP A 57 0.72 7.17 -6.92
N LEU A 58 1.02 5.87 -6.78
CA LEU A 58 0.77 5.21 -5.50
C LEU A 58 1.53 5.86 -4.35
N LEU A 59 2.61 6.58 -4.65
CA LEU A 59 3.37 7.22 -3.59
C LEU A 59 2.58 8.32 -2.90
N LYS A 60 1.48 8.80 -3.50
CA LYS A 60 0.61 9.75 -2.81
C LYS A 60 0.01 9.13 -1.54
N LEU A 61 -0.12 7.81 -1.52
CA LEU A 61 -0.75 7.11 -0.40
C LEU A 61 0.23 6.67 0.68
N VAL A 62 1.53 6.89 0.49
CA VAL A 62 2.51 6.39 1.45
C VAL A 62 2.47 7.25 2.71
N LYS A 63 2.42 6.60 3.86
CA LYS A 63 2.45 7.28 5.15
C LYS A 63 3.82 7.07 5.80
N SER A 64 4.13 7.97 6.75
CA SER A 64 5.42 8.02 7.44
C SER A 64 6.52 8.48 6.50
N TYR A 65 7.77 8.37 6.95
CA TYR A 65 8.91 8.98 6.27
C TYR A 65 9.96 7.91 6.11
N HIS A 66 10.57 7.85 4.91
CA HIS A 66 11.37 6.68 4.54
C HIS A 66 12.53 7.11 3.67
N TRP A 67 13.70 6.51 3.88
CA TRP A 67 14.80 6.80 2.99
C TRP A 67 14.41 6.54 1.54
N MET A 68 14.79 7.46 0.67
CA MET A 68 14.83 7.23 -0.76
C MET A 68 16.26 7.46 -1.25
N GLY A 69 16.49 7.22 -2.52
CA GLY A 69 17.84 7.17 -3.03
C GLY A 69 18.43 8.50 -3.47
N LEU A 70 17.94 9.60 -2.91
CA LEU A 70 18.31 10.95 -3.34
C LEU A 70 19.39 11.51 -2.41
N VAL A 71 20.52 11.91 -3.00
CA VAL A 71 21.65 12.40 -2.24
C VAL A 71 22.11 13.75 -2.78
N HIS A 72 22.73 14.54 -1.91
CA HIS A 72 23.16 15.89 -2.23
C HIS A 72 24.63 15.91 -2.61
N TRP A 79 21.16 17.67 -6.16
CA TRP A 79 20.48 16.42 -5.84
C TRP A 79 20.52 15.45 -7.02
N GLN A 80 20.86 14.20 -6.75
CA GLN A 80 20.85 13.18 -7.78
C GLN A 80 20.51 11.86 -7.11
N TRP A 81 20.24 10.86 -7.95
CA TRP A 81 19.89 9.52 -7.47
C TRP A 81 21.15 8.65 -7.35
N GLU A 82 20.95 7.49 -6.71
CA GLU A 82 22.02 6.50 -6.61
C GLU A 82 22.64 6.24 -7.98
N ASP A 83 21.80 6.03 -8.98
CA ASP A 83 22.32 5.60 -10.27
C ASP A 83 23.07 6.71 -11.00
N GLY A 84 23.30 7.86 -10.34
CA GLY A 84 23.94 8.99 -10.97
C GLY A 84 23.02 9.90 -11.74
N SER A 85 21.80 9.48 -12.04
CA SER A 85 20.90 10.31 -12.82
C SER A 85 20.44 11.50 -11.97
N SER A 86 20.00 12.54 -12.67
CA SER A 86 19.59 13.77 -12.00
C SER A 86 18.13 13.68 -11.56
N LEU A 87 17.80 14.47 -10.54
CA LEU A 87 16.42 14.65 -10.15
C LEU A 87 15.73 15.54 -11.18
N SER A 88 14.70 15.01 -11.83
CA SER A 88 13.93 15.81 -12.78
C SER A 88 13.11 16.87 -12.04
N PRO A 89 12.93 18.03 -12.65
CA PRO A 89 12.11 19.07 -12.02
C PRO A 89 10.65 18.66 -11.92
N ASN A 90 9.95 19.30 -10.98
CA ASN A 90 8.51 19.15 -10.80
C ASN A 90 8.12 17.72 -10.42
N LEU A 91 9.01 17.02 -9.73
CA LEU A 91 8.68 15.72 -9.16
C LEU A 91 8.62 15.74 -7.66
N LEU A 92 9.56 16.39 -6.99
CA LEU A 92 9.61 16.40 -5.54
C LEU A 92 9.73 17.84 -5.04
N THR A 93 9.05 18.11 -3.93
CA THR A 93 9.24 19.34 -3.17
C THR A 93 10.22 19.02 -2.04
N ILE A 94 11.42 19.59 -2.11
CA ILE A 94 12.48 19.31 -1.15
C ILE A 94 12.42 20.36 -0.05
N ILE A 95 12.28 19.92 1.19
CA ILE A 95 12.06 20.79 2.33
C ILE A 95 13.17 20.56 3.35
N GLU A 96 13.77 21.64 3.82
CA GLU A 96 14.78 21.52 4.87
C GLU A 96 14.13 21.00 6.15
N MET A 97 14.90 20.23 6.92
CA MET A 97 14.41 19.65 8.17
C MET A 97 15.57 19.52 9.16
N GLN A 98 16.54 18.66 8.83
CA GLN A 98 17.77 18.56 9.58
C GLN A 98 18.94 18.73 8.62
N LYS A 99 20.04 19.26 9.15
CA LYS A 99 21.26 19.41 8.34
C LYS A 99 21.72 18.04 7.87
N GLY A 100 21.88 17.89 6.57
CA GLY A 100 22.32 16.61 6.05
C GLY A 100 22.34 16.61 4.53
N ASP A 101 22.80 15.48 3.99
CA ASP A 101 22.97 15.30 2.56
C ASP A 101 22.09 14.20 1.99
N CYS A 102 21.09 13.73 2.74
CA CYS A 102 20.20 12.69 2.30
C CYS A 102 18.77 13.18 2.47
N ALA A 103 17.81 12.43 1.93
CA ALA A 103 16.42 12.87 1.97
C ALA A 103 15.47 11.73 2.26
N LEU A 104 14.44 12.03 3.07
CA LEU A 104 13.34 11.11 3.33
C LEU A 104 12.17 11.43 2.42
N TYR A 105 11.59 10.38 1.83
CA TYR A 105 10.33 10.51 1.12
C TYR A 105 9.18 10.65 2.11
N ALA A 106 8.27 11.58 1.81
CA ALA A 106 6.99 11.65 2.52
C ALA A 106 5.91 12.07 1.53
N SER A 107 4.67 11.69 1.83
CA SER A 107 3.57 12.09 0.95
C SER A 107 3.24 13.56 1.15
N SER A 108 2.85 14.23 0.08
CA SER A 108 2.73 13.68 -1.28
C SER A 108 3.84 14.29 -2.14
N PHE A 109 4.77 13.44 -2.57
CA PHE A 109 5.88 13.85 -3.41
C PHE A 109 6.73 14.93 -2.77
N LYS A 110 7.06 14.72 -1.49
CA LYS A 110 7.94 15.58 -0.72
C LYS A 110 9.23 14.85 -0.38
N GLY A 111 10.30 15.62 -0.23
CA GLY A 111 11.54 15.09 0.30
C GLY A 111 12.02 15.94 1.45
N TYR A 112 12.21 15.36 2.63
CA TYR A 112 12.69 16.08 3.79
C TYR A 112 14.18 15.82 3.95
N ILE A 113 14.98 16.88 3.97
CA ILE A 113 16.42 16.75 4.13
C ILE A 113 16.73 16.26 5.53
N GLU A 114 17.62 15.25 5.61
CA GLU A 114 17.88 14.49 6.83
C GLU A 114 19.36 14.12 6.90
N ASN A 115 19.86 14.00 8.13
CA ASN A 115 21.20 13.53 8.38
C ASN A 115 21.31 12.08 7.92
N CYS A 116 22.29 11.82 7.04
CA CYS A 116 22.43 10.48 6.47
C CYS A 116 22.68 9.41 7.52
N SER A 117 23.18 9.78 8.70
CA SER A 117 23.50 8.81 9.74
C SER A 117 22.33 8.54 10.69
N THR A 118 21.20 9.21 10.52
CA THR A 118 20.06 8.99 11.42
C THR A 118 19.28 7.77 10.96
N PRO A 119 19.00 6.82 11.84
CA PRO A 119 18.25 5.62 11.42
C PRO A 119 16.81 5.97 11.05
N ASN A 120 16.37 5.40 9.93
CA ASN A 120 15.03 5.58 9.42
C ASN A 120 14.60 4.30 8.72
N THR A 121 13.29 4.12 8.58
CA THR A 121 12.80 3.08 7.70
C THR A 121 13.09 3.47 6.25
N TYR A 122 12.86 2.53 5.34
CA TYR A 122 13.29 2.77 3.97
C TYR A 122 12.43 1.97 3.00
N ILE A 123 12.44 2.42 1.74
CA ILE A 123 11.69 1.77 0.68
C ILE A 123 12.67 1.35 -0.39
N CYS A 124 12.64 0.08 -0.76
CA CYS A 124 13.42 -0.40 -1.90
C CYS A 124 12.51 -0.52 -3.11
N MET A 125 13.12 -0.38 -4.29
CA MET A 125 12.36 -0.43 -5.53
C MET A 125 13.17 -1.15 -6.59
N GLN A 126 12.49 -1.92 -7.42
CA GLN A 126 13.08 -2.51 -8.62
C GLN A 126 12.29 -2.01 -9.83
N ARG A 127 13.01 -1.49 -10.83
CA ARG A 127 12.40 -1.25 -12.12
C ARG A 127 12.50 -2.51 -12.97
N THR A 128 11.53 -2.68 -13.85
CA THR A 128 11.48 -3.89 -14.67
C THR A 128 11.98 -3.66 -16.08
N VAL A 129 12.25 -2.43 -16.47
CA VAL A 129 12.71 -2.12 -17.82
C VAL A 129 13.91 -1.19 -17.77
N GLU B 6 3.99 -16.38 -13.70
CA GLU B 6 5.08 -16.84 -12.83
C GLU B 6 5.57 -15.70 -11.94
N SER B 7 6.49 -14.89 -12.49
N SER B 7 6.50 -14.90 -12.48
CA SER B 7 7.00 -13.72 -11.80
CA SER B 7 6.99 -13.72 -11.78
C SER B 7 6.17 -12.48 -12.07
C SER B 7 6.18 -12.47 -12.07
N TYR B 8 5.06 -12.60 -12.78
CA TYR B 8 4.14 -11.50 -12.99
C TYR B 8 2.97 -11.64 -12.02
N CYS B 9 2.34 -10.52 -11.72
CA CYS B 9 1.25 -10.43 -10.75
C CYS B 9 0.03 -9.95 -11.52
N GLY B 10 -1.08 -10.66 -11.37
CA GLY B 10 -2.31 -10.25 -11.99
C GLY B 10 -3.07 -11.41 -12.57
N PRO B 11 -3.97 -11.12 -13.53
CA PRO B 11 -4.18 -9.78 -14.07
C PRO B 11 -4.98 -8.86 -13.16
N CYS B 12 -4.86 -7.55 -13.36
CA CYS B 12 -5.54 -6.56 -12.54
C CYS B 12 -5.87 -5.37 -13.42
N PRO B 13 -6.87 -4.57 -13.04
CA PRO B 13 -7.10 -3.29 -13.71
C PRO B 13 -5.85 -2.43 -13.67
N LYS B 14 -5.77 -1.49 -14.63
CA LYS B 14 -4.51 -0.87 -14.98
C LYS B 14 -3.84 -0.19 -13.79
N ASN B 15 -4.59 0.61 -13.04
CA ASN B 15 -4.04 1.45 -11.99
C ASN B 15 -4.34 0.93 -10.59
N TRP B 16 -4.45 -0.39 -10.43
CA TRP B 16 -4.60 -1.03 -9.15
C TRP B 16 -3.25 -1.57 -8.68
N ILE B 17 -3.08 -1.71 -7.38
CA ILE B 17 -1.87 -2.36 -6.88
C ILE B 17 -2.06 -3.87 -6.89
N CYS B 18 -0.99 -4.59 -7.20
CA CYS B 18 -1.03 -6.05 -7.24
C CYS B 18 -0.05 -6.60 -6.21
N TYR B 19 -0.51 -7.62 -5.48
CA TYR B 19 0.33 -8.24 -4.47
C TYR B 19 -0.12 -9.68 -4.35
N LYS B 20 0.80 -10.60 -4.59
CA LYS B 20 0.52 -12.04 -4.49
C LYS B 20 -0.75 -12.42 -5.24
N ASN B 21 -0.89 -11.86 -6.44
CA ASN B 21 -1.96 -12.11 -7.41
C ASN B 21 -3.32 -11.57 -7.01
N ASN B 22 -3.42 -10.82 -5.93
CA ASN B 22 -4.62 -10.09 -5.61
C ASN B 22 -4.44 -8.62 -6.00
N CYS B 23 -5.53 -7.99 -6.43
CA CYS B 23 -5.50 -6.59 -6.85
C CYS B 23 -6.32 -5.77 -5.88
N TYR B 24 -5.80 -4.61 -5.51
CA TYR B 24 -6.39 -3.75 -4.50
C TYR B 24 -6.46 -2.32 -5.01
N GLN B 25 -7.54 -1.62 -4.66
CA GLN B 25 -7.67 -0.19 -4.93
C GLN B 25 -8.33 0.47 -3.72
N PHE B 26 -7.74 1.58 -3.29
CA PHE B 26 -8.29 2.41 -2.23
C PHE B 26 -9.12 3.53 -2.83
N PHE B 27 -10.30 3.76 -2.25
CA PHE B 27 -11.22 4.82 -2.68
C PHE B 27 -11.38 5.83 -1.54
N ASP B 28 -10.97 7.07 -1.79
CA ASP B 28 -11.00 8.06 -0.73
CA ASP B 28 -10.98 8.10 -0.76
C ASP B 28 -12.32 8.79 -0.59
N GLU B 29 -13.30 8.49 -1.46
CA GLU B 29 -14.63 9.04 -1.33
C GLU B 29 -15.38 8.27 -0.25
N GLU B 30 -15.97 8.99 0.69
CA GLU B 30 -16.67 8.33 1.79
C GLU B 30 -18.08 7.94 1.35
N LYS B 31 -18.38 6.64 1.48
CA LYS B 31 -19.67 6.07 1.08
C LYS B 31 -20.13 5.10 2.17
N ASN B 32 -21.44 4.91 2.28
CA ASN B 32 -21.92 3.86 3.17
C ASN B 32 -21.57 2.49 2.59
N TRP B 33 -21.76 1.45 3.41
CA TRP B 33 -21.35 0.11 2.98
C TRP B 33 -22.02 -0.27 1.65
N TYR B 34 -23.32 0.00 1.51
CA TYR B 34 -24.05 -0.43 0.32
C TYR B 34 -23.55 0.28 -0.93
N GLU B 35 -23.28 1.59 -0.82
CA GLU B 35 -22.72 2.36 -1.93
C GLU B 35 -21.31 1.89 -2.27
N SER B 36 -20.49 1.60 -1.26
CA SER B 36 -19.15 1.07 -1.51
C SER B 36 -19.22 -0.26 -2.23
N GLN B 37 -20.09 -1.16 -1.76
CA GLN B 37 -20.28 -2.44 -2.43
C GLN B 37 -20.63 -2.22 -3.89
N ALA B 38 -21.58 -1.32 -4.16
CA ALA B 38 -21.98 -1.07 -5.55
C ALA B 38 -20.82 -0.51 -6.36
N SER B 39 -20.01 0.35 -5.75
CA SER B 39 -18.88 0.94 -6.45
C SER B 39 -17.88 -0.13 -6.87
N CYS B 40 -17.56 -1.05 -5.97
CA CYS B 40 -16.63 -2.12 -6.36
C CYS B 40 -17.24 -3.00 -7.44
N MET B 41 -18.54 -3.33 -7.33
CA MET B 41 -19.17 -4.16 -8.34
C MET B 41 -19.15 -3.48 -9.71
N SER B 42 -19.35 -2.16 -9.73
CA SER B 42 -19.29 -1.42 -10.99
C SER B 42 -17.94 -1.58 -11.67
N GLN B 43 -16.89 -1.83 -10.90
CA GLN B 43 -15.56 -2.05 -11.43
C GLN B 43 -15.23 -3.53 -11.55
N ASN B 44 -16.24 -4.38 -11.65
CA ASN B 44 -16.07 -5.83 -11.72
C ASN B 44 -15.18 -6.36 -10.60
N ALA B 45 -15.42 -5.85 -9.38
CA ALA B 45 -14.67 -6.26 -8.20
C ALA B 45 -15.66 -6.41 -7.05
N SER B 46 -15.10 -6.57 -5.85
CA SER B 46 -15.87 -6.66 -4.62
C SER B 46 -15.15 -5.83 -3.56
N LEU B 47 -15.79 -5.65 -2.42
CA LEU B 47 -15.07 -5.08 -1.29
C LEU B 47 -14.01 -6.07 -0.81
N LEU B 48 -12.99 -5.53 -0.14
CA LEU B 48 -11.90 -6.36 0.41
C LEU B 48 -12.42 -7.61 1.12
N LYS B 49 -11.85 -8.74 0.77
CA LYS B 49 -12.05 -10.01 1.47
C LYS B 49 -10.72 -10.44 2.06
N VAL B 50 -10.71 -10.77 3.35
CA VAL B 50 -9.52 -11.22 4.06
C VAL B 50 -9.60 -12.73 4.20
N TYR B 51 -8.64 -13.43 3.59
CA TYR B 51 -8.58 -14.88 3.66
C TYR B 51 -7.25 -15.44 4.16
N SER B 52 -6.16 -14.67 4.15
CA SER B 52 -4.86 -15.21 4.54
C SER B 52 -4.00 -14.09 5.08
N LYS B 53 -3.52 -14.24 6.32
CA LYS B 53 -2.54 -13.28 6.83
C LYS B 53 -1.20 -13.37 6.09
N GLU B 54 -0.91 -14.49 5.43
CA GLU B 54 0.33 -14.63 4.70
C GLU B 54 0.22 -14.04 3.30
N ASP B 55 -0.79 -14.46 2.52
CA ASP B 55 -0.96 -13.92 1.18
C ASP B 55 -1.29 -12.43 1.20
N GLN B 56 -1.87 -11.94 2.29
CA GLN B 56 -2.33 -10.57 2.36
C GLN B 56 -1.62 -9.81 3.47
N ASP B 57 -0.35 -10.15 3.72
CA ASP B 57 0.37 -9.48 4.78
C ASP B 57 0.55 -7.98 4.54
N LEU B 58 0.36 -7.51 3.30
CA LEU B 58 0.38 -6.08 3.03
C LEU B 58 -0.69 -5.33 3.83
N LEU B 59 -1.76 -6.02 4.28
CA LEU B 59 -2.79 -5.36 5.07
C LEU B 59 -2.28 -4.91 6.43
N LYS B 60 -1.11 -5.42 6.87
CA LYS B 60 -0.49 -4.90 8.08
C LYS B 60 -0.08 -3.45 7.93
N LEU B 61 0.10 -2.95 6.71
CA LEU B 61 0.59 -1.60 6.48
C LEU B 61 -0.53 -0.61 6.19
N VAL B 62 -1.77 -1.06 6.23
CA VAL B 62 -2.88 -0.18 5.88
C VAL B 62 -3.15 0.76 7.05
N LYS B 63 -3.24 2.04 6.75
CA LYS B 63 -3.54 3.07 7.74
C LYS B 63 -5.01 3.45 7.68
N SER B 64 -5.56 3.80 8.85
CA SER B 64 -6.97 4.17 8.98
C SER B 64 -7.89 2.98 8.79
N TYR B 65 -9.19 3.22 8.70
N TYR B 65 -9.18 3.26 8.68
CA TYR B 65 -10.17 2.15 8.69
CA TYR B 65 -10.27 2.28 8.72
C TYR B 65 -11.09 2.34 7.50
C TYR B 65 -11.01 2.36 7.39
N HIS B 66 -11.42 1.22 6.84
CA HIS B 66 -12.03 1.21 5.53
C HIS B 66 -13.04 0.07 5.41
N TRP B 67 -14.10 0.30 4.64
CA TRP B 67 -15.07 -0.78 4.47
C TRP B 67 -14.42 -1.99 3.83
N MET B 68 -14.76 -3.17 4.34
CA MET B 68 -14.46 -4.45 3.72
C MET B 68 -15.78 -5.21 3.53
N GLY B 69 -15.71 -6.37 2.91
CA GLY B 69 -16.91 -7.06 2.46
C GLY B 69 -17.52 -7.99 3.49
N LEU B 70 -17.30 -7.71 4.76
CA LEU B 70 -17.73 -8.60 5.84
C LEU B 70 -19.04 -8.09 6.42
N VAL B 71 -20.06 -8.96 6.44
CA VAL B 71 -21.39 -8.57 6.90
C VAL B 71 -21.94 -9.60 7.88
N HIS B 72 -22.83 -9.12 8.74
CA HIS B 72 -23.52 -9.98 9.70
C HIS B 72 -24.94 -10.23 9.23
N ILE B 73 -25.29 -11.50 9.09
CA ILE B 73 -26.63 -11.92 8.69
C ILE B 73 -27.29 -12.58 9.92
N PRO B 74 -28.28 -11.94 10.55
CA PRO B 74 -28.98 -12.61 11.67
C PRO B 74 -30.14 -13.47 11.20
N GLY B 77 -27.18 -16.15 12.24
CA GLY B 77 -26.03 -16.55 11.44
C GLY B 77 -24.72 -16.12 12.06
N SER B 78 -23.76 -15.76 11.21
CA SER B 78 -22.44 -15.31 11.65
C SER B 78 -21.93 -14.27 10.65
N TRP B 79 -20.68 -13.86 10.81
CA TRP B 79 -20.05 -12.96 9.87
C TRP B 79 -19.68 -13.72 8.61
N GLN B 80 -20.05 -13.17 7.46
CA GLN B 80 -19.81 -13.81 6.18
C GLN B 80 -19.33 -12.75 5.20
N TRP B 81 -18.65 -13.20 4.15
CA TRP B 81 -18.22 -12.29 3.10
C TRP B 81 -19.36 -12.06 2.11
N GLU B 82 -19.19 -11.02 1.27
CA GLU B 82 -20.16 -10.71 0.23
C GLU B 82 -20.55 -11.96 -0.55
N ASP B 83 -19.55 -12.71 -1.01
CA ASP B 83 -19.76 -13.87 -1.87
C ASP B 83 -20.43 -15.04 -1.14
N GLY B 84 -20.75 -14.90 0.14
CA GLY B 84 -21.40 -15.95 0.91
C GLY B 84 -20.46 -16.89 1.63
N SER B 85 -19.15 -16.78 1.44
CA SER B 85 -18.19 -17.63 2.12
C SER B 85 -18.04 -17.21 3.58
N SER B 86 -17.50 -18.12 4.38
CA SER B 86 -17.39 -17.91 5.81
C SER B 86 -16.08 -17.22 6.16
N LEU B 87 -16.11 -16.49 7.27
CA LEU B 87 -14.90 -15.91 7.80
C LEU B 87 -14.03 -16.99 8.45
N SER B 88 -12.78 -17.08 8.03
CA SER B 88 -11.90 -18.08 8.62
C SER B 88 -11.63 -17.72 10.09
N PRO B 89 -11.64 -18.71 10.98
CA PRO B 89 -11.23 -18.41 12.36
C PRO B 89 -9.77 -18.02 12.41
N ASN B 90 -9.40 -17.33 13.50
CA ASN B 90 -8.01 -16.93 13.73
C ASN B 90 -7.48 -15.99 12.65
N LEU B 91 -8.36 -15.29 11.94
CA LEU B 91 -7.94 -14.36 10.90
C LEU B 91 -8.12 -12.91 11.30
N LEU B 92 -9.30 -12.54 11.80
CA LEU B 92 -9.59 -11.16 12.20
C LEU B 92 -10.00 -11.15 13.66
N THR B 93 -9.57 -10.13 14.38
CA THR B 93 -10.09 -9.83 15.70
C THR B 93 -11.24 -8.86 15.52
N ILE B 94 -12.45 -9.24 15.94
CA ILE B 94 -13.64 -8.46 15.70
C ILE B 94 -13.93 -7.63 16.96
N ILE B 95 -14.00 -6.32 16.80
CA ILE B 95 -14.14 -5.40 17.93
C ILE B 95 -15.43 -4.60 17.78
N GLU B 96 -16.24 -4.58 18.82
CA GLU B 96 -17.54 -3.92 18.77
C GLU B 96 -17.43 -2.53 19.39
N MET B 97 -17.60 -1.49 18.57
CA MET B 97 -17.74 -0.14 19.12
C MET B 97 -18.85 0.69 18.50
N GLN B 98 -19.67 0.12 17.61
CA GLN B 98 -20.91 0.76 17.19
C GLN B 98 -21.94 -0.33 16.90
N LYS B 99 -23.21 0.02 17.03
CA LYS B 99 -24.26 -0.89 16.60
C LYS B 99 -24.25 -0.96 15.07
N GLY B 100 -24.07 -2.15 14.52
CA GLY B 100 -24.04 -2.30 13.08
C GLY B 100 -23.93 -3.74 12.64
N ASP B 101 -24.20 -3.95 11.36
CA ASP B 101 -24.12 -5.26 10.73
C ASP B 101 -23.01 -5.35 9.68
N CYS B 102 -22.14 -4.34 9.62
CA CYS B 102 -21.06 -4.28 8.65
C CYS B 102 -19.75 -4.06 9.41
N ALA B 103 -18.62 -4.19 8.71
CA ALA B 103 -17.34 -4.09 9.40
C ALA B 103 -16.31 -3.30 8.60
N LEU B 104 -15.55 -2.49 9.31
CA LEU B 104 -14.39 -1.79 8.76
C LEU B 104 -13.13 -2.60 9.01
N TYR B 105 -12.26 -2.67 8.01
CA TYR B 105 -10.92 -3.20 8.22
C TYR B 105 -10.03 -2.16 8.88
N ALA B 106 -9.20 -2.61 9.82
CA ALA B 106 -8.14 -1.79 10.40
C ALA B 106 -6.95 -2.70 10.71
N SER B 107 -5.75 -2.14 10.57
CA SER B 107 -4.56 -2.92 10.88
C SER B 107 -4.42 -3.10 12.39
N SER B 108 -3.90 -4.25 12.82
CA SER B 108 -3.47 -5.35 11.99
C SER B 108 -4.51 -6.47 12.09
N PHE B 109 -5.16 -6.76 10.99
CA PHE B 109 -6.15 -7.85 10.94
C PHE B 109 -7.22 -7.70 12.01
N LYS B 110 -7.81 -6.50 12.06
CA LYS B 110 -8.95 -6.23 12.91
C LYS B 110 -10.16 -5.89 12.04
N GLY B 111 -11.32 -6.19 12.59
CA GLY B 111 -12.56 -5.76 11.99
C GLY B 111 -13.38 -5.00 13.03
N TYR B 112 -13.78 -3.77 12.73
CA TYR B 112 -14.56 -2.97 13.67
C TYR B 112 -16.01 -2.98 13.22
N ILE B 113 -16.91 -3.40 14.09
CA ILE B 113 -18.32 -3.39 13.77
C ILE B 113 -18.78 -1.94 13.62
N GLU B 114 -19.49 -1.66 12.53
CA GLU B 114 -19.80 -0.30 12.16
C GLU B 114 -21.20 -0.29 11.55
N ASN B 115 -21.93 0.81 11.78
CA ASN B 115 -23.22 1.00 11.14
C ASN B 115 -23.05 1.01 9.63
N CYS B 116 -23.78 0.12 8.94
CA CYS B 116 -23.70 0.02 7.49
C CYS B 116 -23.99 1.36 6.81
N SER B 117 -24.78 2.22 7.45
CA SER B 117 -25.13 3.50 6.84
C SER B 117 -24.07 4.58 7.03
N THR B 118 -23.03 4.34 7.81
CA THR B 118 -22.06 5.41 8.08
C THR B 118 -21.08 5.55 6.91
N PRO B 119 -20.89 6.75 6.37
CA PRO B 119 -19.92 6.92 5.29
C PRO B 119 -18.49 6.65 5.75
N ASN B 120 -17.77 5.86 4.96
CA ASN B 120 -16.38 5.53 5.22
C ASN B 120 -15.65 5.38 3.89
N THR B 121 -14.33 5.59 3.90
CA THR B 121 -13.54 5.17 2.75
C THR B 121 -13.59 3.65 2.64
N TYR B 122 -13.12 3.12 1.51
CA TYR B 122 -13.30 1.70 1.25
C TYR B 122 -12.20 1.15 0.36
N ILE B 123 -12.03 -0.17 0.42
CA ILE B 123 -11.02 -0.87 -0.34
C ILE B 123 -11.74 -1.89 -1.20
N CYS B 124 -11.47 -1.86 -2.51
CA CYS B 124 -11.92 -2.87 -3.44
C CYS B 124 -10.82 -3.88 -3.73
N MET B 125 -11.24 -5.09 -4.07
CA MET B 125 -10.31 -6.19 -4.34
C MET B 125 -10.83 -7.03 -5.48
N GLN B 126 -9.91 -7.51 -6.32
CA GLN B 126 -10.23 -8.41 -7.41
C GLN B 126 -9.19 -9.53 -7.46
N ARG B 127 -9.64 -10.72 -7.85
CA ARG B 127 -8.75 -11.85 -8.08
C ARG B 127 -9.05 -12.52 -9.42
C1 PEG C . 4.06 -6.35 5.24
O1 PEG C . 5.28 -5.99 5.83
C2 PEG C . 4.36 -7.21 4.01
O2 PEG C . 4.05 -6.57 2.80
C3 PEG C . 4.65 -5.31 2.64
C4 PEG C . 5.33 -5.12 1.28
O4 PEG C . 6.36 -4.18 1.46
C11 VN2 D . -5.81 6.14 3.46
C11 VN2 D . -5.90 6.03 3.58
C12 VN2 D . -5.79 4.92 2.80
C12 VN2 D . -5.77 4.84 2.87
C13 VN2 D . -4.56 4.32 2.54
C13 VN2 D . -4.51 4.28 2.68
C14 VN2 D . -4.56 3.05 1.82
C14 VN2 D . -4.49 3.03 1.91
C15 VN2 D . -5.44 2.03 2.20
C15 VN2 D . -5.48 2.09 2.19
C16 VN2 D . -5.45 0.83 1.50
C16 VN2 D . -5.56 0.88 1.51
C17 VN2 D . -4.60 0.62 0.41
C17 VN2 D . -4.64 0.57 0.52
C18 VN2 D . -3.73 1.65 0.03
C18 VN2 D . -3.65 1.51 0.21
C19 VN2 D . -3.70 2.86 0.73
C19 VN2 D . -3.57 2.73 0.90
C2 VN2 D . 1.80 3.09 4.17
C2 VN2 D . 1.82 3.08 4.23
C20 VN2 D . -4.63 -0.65 -0.34
C20 VN2 D . -4.76 -0.73 -0.21
C24 VN2 D . -0.29 1.93 2.18
C24 VN2 D . -0.03 2.33 1.91
C25 VN2 D . -0.62 0.63 2.57
C25 VN2 D . 0.46 2.92 0.74
C26 VN2 D . -0.59 -0.43 1.64
C26 VN2 D . 0.69 2.17 -0.41
C27 VN2 D . -0.23 -0.19 0.33
C27 VN2 D . 0.43 0.80 -0.42
C28 VN2 D . 0.11 1.12 -0.08
C28 VN2 D . -0.06 0.18 0.73
C29 VN2 D . 0.07 2.15 0.85
C29 VN2 D . -0.28 0.94 1.89
C30 VN2 D . 0.49 1.42 -1.47
C30 VN2 D . -0.32 -1.28 0.71
C34 VN2 D . 2.72 2.63 5.21
C34 VN2 D . 2.77 2.63 5.25
C35 VN2 D . 2.38 2.81 6.55
C35 VN2 D . 2.50 2.84 6.58
C37 VN2 D . 4.38 1.89 7.22
C37 VN2 D . 4.51 1.93 7.21
C38 VN2 D . 4.79 1.66 5.92
C38 VN2 D . 4.87 1.69 5.89
C39 VN2 D . 3.93 2.05 4.88
C39 VN2 D . 3.99 2.06 4.88
C4 VN2 D . -0.32 3.09 3.16
C4 VN2 D . -0.28 3.17 3.16
C40 VN2 D . 4.35 1.78 3.53
C40 VN2 D . 4.37 1.76 3.52
C41 VN2 D . 5.54 2.33 3.03
C41 VN2 D . 5.55 2.29 2.95
C42 VN2 D . 5.93 2.07 1.72
C42 VN2 D . 5.89 1.97 1.64
C43 VN2 D . 5.12 1.27 0.89
C43 VN2 D . 5.08 1.14 0.88
C44 VN2 D . 3.94 0.73 1.40
C44 VN2 D . 3.92 0.62 1.44
C45 VN2 D . 3.55 0.98 2.71
C45 VN2 D . 3.56 0.93 2.75
C46 VN2 D . 5.52 0.98 -0.50
C46 VN2 D . 5.43 0.77 -0.53
C5 VN2 D . -1.70 3.47 3.57
C5 VN2 D . -1.72 3.36 3.56
C8 VN2 D . -3.41 5.00 2.97
C8 VN2 D . -3.43 4.99 3.24
C9 VN2 D . -3.54 6.22 3.60
C9 VN2 D . -3.66 6.18 3.90
F21 VN2 D . -4.40 -1.75 0.42
F21 VN2 D . -5.61 -1.63 0.37
F22 VN2 D . -5.85 -0.84 -0.93
F22 VN2 D . -5.23 -0.56 -1.48
F23 VN2 D . -3.71 -0.68 -1.35
F23 VN2 D . -3.60 -1.43 -0.35
F31 VN2 D . 0.90 0.34 -2.18
F31 VN2 D . -0.43 -1.77 -0.56
F32 VN2 D . -0.52 1.97 -2.19
F32 VN2 D . 0.67 -2.00 1.29
F33 VN2 D . 1.50 2.32 -1.55
F33 VN2 D . -1.46 -1.63 1.37
F47 VN2 D . 5.86 2.09 -1.21
F47 VN2 D . 6.43 1.52 -1.03
F48 VN2 D . 6.62 0.18 -0.51
F48 VN2 D . 5.85 -0.54 -0.62
F49 VN2 D . 4.56 0.31 -1.20
F49 VN2 D . 4.39 0.90 -1.38
N10 VN2 D . -4.72 6.81 3.87
N10 VN2 D . -4.87 6.72 4.09
N3 VN2 D . 0.47 2.90 4.34
N3 VN2 D . 0.53 2.65 4.23
N36 VN2 D . 3.19 2.45 7.56
N36 VN2 D . 3.34 2.50 7.59
N7 VN2 D . -2.11 4.57 2.84
N7 VN2 D . -2.09 4.65 3.25
O1 VN2 D . 2.29 3.57 3.17
O1 VN2 D . 2.24 3.88 3.42
O6 VN2 D . -2.37 2.74 4.28
O6 VN2 D . -2.44 2.39 3.78
C1 PEG E . -2.92 6.34 -6.25
O1 PEG E . -4.25 6.75 -6.13
C2 PEG E . -2.83 4.92 -6.81
O2 PEG E . -3.75 4.09 -6.16
C3 PEG E . -3.21 2.90 -5.68
C4 PEG E . -4.30 1.93 -5.22
O4 PEG E . -5.30 2.61 -4.52
#